data_1XQ4
#
_entry.id   1XQ4
#
_cell.length_a   78.559
_cell.length_b   100.256
_cell.length_c   108.108
_cell.angle_alpha   90.00
_cell.angle_beta   90.00
_cell.angle_gamma   90.00
#
_symmetry.space_group_name_H-M   'P 21 21 21'
#
loop_
_entity.id
_entity.type
_entity.pdbx_description
1 polymer 'Protein apaG'
2 non-polymer 'PHOSPHATE ION'
3 water water
#
_entity_poly.entity_id   1
_entity_poly.type   'polypeptide(L)'
_entity_poly.pdbx_seq_one_letter_code
;MSNRERPVKPYDLTVSVTPRYVPEQSDPSQQQYVFAYTVRITNTGSHPAQVISRHWIITDGEERVQEVRGLGVVGQQPLL
APGETFEYTSGCPLPTPIGT(MSE)RGTYHCVGENGIPFEVPIAEFLLA(MSE)PRTLHLEHHHHHH
;
_entity_poly.pdbx_strand_id   A,B,C,D
#
# COMPACT_ATOMS: atom_id res chain seq x y z
N PRO A 7 20.41 -5.45 25.25
CA PRO A 7 20.42 -4.74 23.95
C PRO A 7 19.53 -5.44 22.91
N VAL A 8 19.52 -4.91 21.70
CA VAL A 8 18.73 -5.44 20.58
C VAL A 8 17.33 -5.93 20.95
N LYS A 9 16.37 -5.00 20.92
CA LYS A 9 14.98 -5.27 21.23
C LYS A 9 14.33 -6.09 20.12
N PRO A 10 13.17 -6.68 20.41
CA PRO A 10 12.44 -7.48 19.42
C PRO A 10 11.80 -6.58 18.35
N TYR A 11 11.12 -5.54 18.79
CA TYR A 11 10.48 -4.60 17.88
C TYR A 11 10.96 -3.20 18.19
N ASP A 12 11.73 -2.63 17.27
CA ASP A 12 12.29 -1.30 17.47
C ASP A 12 12.54 -0.58 16.16
N LEU A 13 12.08 0.66 16.07
CA LEU A 13 12.29 1.47 14.89
C LEU A 13 12.81 2.82 15.38
N THR A 14 13.90 3.30 14.79
CA THR A 14 14.42 4.60 15.19
C THR A 14 14.25 5.57 14.04
N VAL A 15 13.86 6.79 14.39
CA VAL A 15 13.62 7.83 13.41
C VAL A 15 14.51 9.05 13.56
N SER A 16 15.09 9.48 12.46
CA SER A 16 15.93 10.67 12.48
C SER A 16 15.38 11.62 11.43
N VAL A 17 15.22 12.88 11.81
CA VAL A 17 14.71 13.89 10.89
C VAL A 17 15.67 15.06 10.77
N THR A 18 15.99 15.44 9.54
CA THR A 18 16.88 16.58 9.30
C THR A 18 16.17 17.67 8.50
N PRO A 19 15.69 18.72 9.19
CA PRO A 19 15.00 19.82 8.52
C PRO A 19 15.96 20.78 7.82
N ARG A 20 15.43 21.55 6.87
CA ARG A 20 16.23 22.51 6.14
C ARG A 20 15.35 23.54 5.42
N TYR A 21 15.60 24.80 5.73
CA TYR A 21 14.87 25.90 5.11
C TYR A 21 15.10 25.87 3.61
N VAL A 22 14.07 26.16 2.83
CA VAL A 22 14.16 26.17 1.37
C VAL A 22 13.89 27.58 0.84
N PRO A 23 14.95 28.35 0.58
CA PRO A 23 14.86 29.72 0.07
C PRO A 23 14.19 29.83 -1.29
N GLU A 24 14.62 28.97 -2.20
CA GLU A 24 14.10 28.95 -3.57
C GLU A 24 12.58 29.01 -3.67
N GLN A 25 11.88 28.66 -2.60
CA GLN A 25 10.43 28.68 -2.62
C GLN A 25 9.85 29.29 -1.34
N SER A 26 10.59 30.22 -0.76
CA SER A 26 10.17 30.90 0.46
C SER A 26 10.26 32.41 0.30
N ASP A 27 9.32 33.14 0.90
CA ASP A 27 9.31 34.60 0.83
C ASP A 27 9.02 35.18 2.20
N PRO A 28 10.07 35.43 2.99
CA PRO A 28 9.93 35.98 4.34
C PRO A 28 9.26 37.35 4.36
N SER A 29 9.30 38.06 3.23
CA SER A 29 8.69 39.38 3.13
C SER A 29 7.17 39.27 3.11
N GLN A 30 6.69 38.06 2.82
CA GLN A 30 5.27 37.78 2.78
C GLN A 30 4.92 36.80 3.89
N GLN A 31 5.86 36.59 4.81
CA GLN A 31 5.67 35.65 5.91
C GLN A 31 5.43 34.25 5.37
N GLN A 32 6.11 33.94 4.27
CA GLN A 32 6.02 32.63 3.63
C GLN A 32 7.30 31.82 3.80
N TYR A 33 7.36 31.03 4.86
CA TYR A 33 8.53 30.20 5.13
C TYR A 33 8.25 28.73 4.83
N VAL A 34 9.05 28.16 3.95
CA VAL A 34 8.92 26.77 3.54
C VAL A 34 10.12 25.95 3.93
N PHE A 35 9.89 24.91 4.73
CA PHE A 35 10.99 24.03 5.13
C PHE A 35 10.79 22.64 4.56
N ALA A 36 11.87 21.88 4.48
CA ALA A 36 11.81 20.53 3.99
C ALA A 36 12.50 19.65 5.02
N TYR A 37 11.78 18.69 5.57
CA TYR A 37 12.39 17.78 6.54
C TYR A 37 12.57 16.45 5.84
N THR A 38 13.66 15.76 6.14
CA THR A 38 13.91 14.48 5.53
C THR A 38 13.89 13.44 6.63
N VAL A 39 12.93 12.53 6.54
CA VAL A 39 12.79 11.49 7.56
C VAL A 39 13.57 10.24 7.17
N ARG A 40 14.14 9.58 8.16
CA ARG A 40 14.92 8.38 7.94
C ARG A 40 14.49 7.34 8.96
N ILE A 41 13.73 6.34 8.52
CA ILE A 41 13.27 5.31 9.42
C ILE A 41 14.17 4.09 9.28
N THR A 42 14.62 3.55 10.41
CA THR A 42 15.49 2.40 10.36
C THR A 42 15.03 1.36 11.35
N ASN A 43 14.94 0.12 10.89
CA ASN A 43 14.52 -0.97 11.77
C ASN A 43 15.72 -1.41 12.58
N THR A 44 15.71 -1.03 13.85
CA THR A 44 16.78 -1.37 14.77
C THR A 44 16.42 -2.52 15.71
N GLY A 45 15.41 -3.30 15.33
CA GLY A 45 14.98 -4.42 16.16
C GLY A 45 15.29 -5.76 15.52
N SER A 46 15.03 -6.83 16.26
CA SER A 46 15.30 -8.18 15.77
C SER A 46 14.29 -8.78 14.79
N HIS A 47 13.08 -8.22 14.75
CA HIS A 47 12.05 -8.73 13.85
C HIS A 47 11.56 -7.64 12.92
N PRO A 48 10.96 -8.02 11.79
CA PRO A 48 10.44 -7.00 10.88
C PRO A 48 9.29 -6.23 11.56
N ALA A 49 8.97 -5.06 11.04
CA ALA A 49 7.89 -4.26 11.60
C ALA A 49 7.42 -3.35 10.48
N GLN A 50 6.16 -2.95 10.53
CA GLN A 50 5.59 -2.13 9.49
C GLN A 50 5.07 -0.77 9.98
N VAL A 51 5.33 0.26 9.19
CA VAL A 51 4.89 1.61 9.53
C VAL A 51 3.45 1.70 9.04
N ILE A 52 2.53 2.04 9.94
CA ILE A 52 1.14 2.11 9.57
C ILE A 52 0.64 3.54 9.35
N SER A 53 0.56 4.32 10.43
CA SER A 53 0.09 5.70 10.33
C SER A 53 1.07 6.72 10.94
N ARG A 54 0.79 8.00 10.70
CA ARG A 54 1.62 9.10 11.19
C ARG A 54 0.80 10.26 11.75
N HIS A 55 1.26 10.81 12.87
CA HIS A 55 0.63 11.95 13.50
C HIS A 55 1.69 13.06 13.65
N TRP A 56 1.40 14.24 13.11
CA TRP A 56 2.32 15.38 13.17
C TRP A 56 1.74 16.61 13.86
N ILE A 57 2.54 17.22 14.72
CA ILE A 57 2.14 18.45 15.40
C ILE A 57 3.16 19.50 15.01
N ILE A 58 2.77 20.45 14.18
CA ILE A 58 3.72 21.48 13.81
C ILE A 58 3.33 22.75 14.56
N THR A 59 4.33 23.37 15.21
CA THR A 59 4.10 24.59 15.98
C THR A 59 4.74 25.84 15.40
N ASP A 60 3.98 26.94 15.45
CA ASP A 60 4.39 28.24 14.91
C ASP A 60 5.37 29.02 15.79
N GLY A 61 5.98 30.03 15.18
CA GLY A 61 6.89 30.89 15.90
C GLY A 61 6.09 31.72 16.89
N GLU A 62 4.77 31.70 16.75
CA GLU A 62 3.90 32.43 17.66
C GLU A 62 3.03 31.48 18.46
N GLU A 63 3.46 30.23 18.57
CA GLU A 63 2.74 29.18 19.31
C GLU A 63 1.45 28.70 18.66
N ARG A 64 1.32 28.90 17.34
CA ARG A 64 0.12 28.47 16.61
C ARG A 64 0.29 27.01 16.14
N VAL A 65 -0.51 26.12 16.71
CA VAL A 65 -0.43 24.71 16.37
C VAL A 65 -1.29 24.30 15.16
N GLN A 66 -0.84 23.24 14.50
CA GLN A 66 -1.52 22.67 13.35
C GLN A 66 -1.23 21.19 13.46
N GLU A 67 -2.21 20.35 13.14
CA GLU A 67 -2.01 18.92 13.21
C GLU A 67 -2.30 18.24 11.88
N VAL A 68 -1.54 17.20 11.59
CA VAL A 68 -1.75 16.44 10.37
C VAL A 68 -1.78 14.99 10.80
N ARG A 69 -2.77 14.25 10.30
CA ARG A 69 -2.93 12.83 10.60
C ARG A 69 -3.31 12.12 9.30
N GLY A 70 -2.77 10.92 9.10
CA GLY A 70 -3.06 10.17 7.89
C GLY A 70 -2.48 8.78 7.96
N LEU A 71 -2.59 8.04 6.87
CA LEU A 71 -2.09 6.67 6.83
C LEU A 71 -0.83 6.54 5.99
N GLY A 72 0.09 5.72 6.45
CA GLY A 72 1.34 5.51 5.72
C GLY A 72 2.25 6.72 5.60
N VAL A 73 3.40 6.48 4.99
CA VAL A 73 4.39 7.51 4.77
C VAL A 73 4.64 7.48 3.27
N VAL A 74 4.29 8.57 2.60
CA VAL A 74 4.46 8.65 1.16
C VAL A 74 3.56 7.60 0.49
N GLY A 75 2.32 7.52 0.98
CA GLY A 75 1.34 6.58 0.44
C GLY A 75 1.76 5.12 0.49
N GLN A 76 2.51 4.75 1.51
CA GLN A 76 2.99 3.40 1.63
C GLN A 76 3.11 3.07 3.11
N GLN A 77 3.09 1.79 3.43
CA GLN A 77 3.21 1.35 4.81
C GLN A 77 4.23 0.22 4.71
N PRO A 78 5.52 0.60 4.67
CA PRO A 78 6.62 -0.36 4.55
C PRO A 78 6.82 -1.31 5.71
N LEU A 79 7.06 -2.57 5.35
CA LEU A 79 7.29 -3.62 6.32
C LEU A 79 8.81 -3.74 6.24
N LEU A 80 9.49 -3.08 7.17
CA LEU A 80 10.95 -3.04 7.18
C LEU A 80 11.62 -4.20 7.87
N ALA A 81 12.53 -4.84 7.14
CA ALA A 81 13.28 -5.95 7.69
C ALA A 81 14.24 -5.38 8.72
N PRO A 82 14.67 -6.22 9.68
CA PRO A 82 15.60 -5.65 10.67
C PRO A 82 16.84 -5.17 9.91
N GLY A 83 17.20 -3.90 10.12
CA GLY A 83 18.36 -3.37 9.43
C GLY A 83 18.07 -2.43 8.26
N GLU A 84 17.00 -2.66 7.52
CA GLU A 84 16.73 -1.77 6.40
C GLU A 84 16.13 -0.43 6.81
N THR A 85 16.20 0.53 5.89
CA THR A 85 15.72 1.87 6.15
C THR A 85 14.77 2.36 5.08
N PHE A 86 14.01 3.39 5.42
CA PHE A 86 13.05 3.99 4.52
C PHE A 86 13.13 5.48 4.73
N GLU A 87 13.42 6.25 3.68
CA GLU A 87 13.52 7.70 3.83
C GLU A 87 12.90 8.52 2.72
N TYR A 88 12.27 9.60 3.15
CA TYR A 88 11.57 10.53 2.26
C TYR A 88 11.67 11.91 2.88
N THR A 89 11.29 12.92 2.09
CA THR A 89 11.28 14.28 2.60
C THR A 89 9.96 14.91 2.18
N SER A 90 9.31 15.54 3.14
CA SER A 90 8.03 16.22 2.95
C SER A 90 8.24 17.69 3.32
N GLY A 91 7.30 18.56 2.94
CA GLY A 91 7.42 19.98 3.24
C GLY A 91 6.66 20.43 4.48
N CYS A 92 6.99 21.63 4.97
CA CYS A 92 6.33 22.19 6.14
C CYS A 92 6.30 23.71 6.05
N PRO A 93 5.14 24.28 5.69
CA PRO A 93 5.01 25.73 5.58
C PRO A 93 4.76 26.39 6.93
N LEU A 94 5.30 27.61 7.07
CA LEU A 94 5.14 28.37 8.31
C LEU A 94 5.18 29.88 8.05
N PRO A 95 4.40 30.66 8.80
CA PRO A 95 4.37 32.11 8.63
C PRO A 95 5.54 32.76 9.38
N THR A 96 6.14 31.99 10.29
CA THR A 96 7.23 32.46 11.10
C THR A 96 8.52 31.78 10.66
N PRO A 97 9.66 32.47 10.81
CA PRO A 97 10.97 31.94 10.44
C PRO A 97 11.43 30.77 11.30
N ILE A 98 10.77 30.54 12.44
CA ILE A 98 11.15 29.41 13.27
C ILE A 98 9.91 28.64 13.74
N GLY A 99 10.13 27.40 14.14
CA GLY A 99 9.04 26.57 14.62
C GLY A 99 9.51 25.19 15.02
N THR A 100 8.60 24.38 15.54
CA THR A 100 8.95 23.03 15.95
C THR A 100 7.99 22.03 15.35
N ARG A 102 6.76 17.86 16.05
CA ARG A 102 6.85 16.67 16.88
C ARG A 102 5.69 15.76 16.51
N GLY A 103 5.95 14.46 16.45
CA GLY A 103 4.90 13.55 16.09
C GLY A 103 5.00 12.11 16.55
N THR A 104 4.25 11.25 15.86
CA THR A 104 4.22 9.82 16.17
C THR A 104 3.93 8.96 14.97
N TYR A 105 4.59 7.81 14.91
CA TYR A 105 4.34 6.84 13.85
C TYR A 105 3.70 5.70 14.64
N HIS A 106 2.62 5.14 14.08
CA HIS A 106 1.96 3.99 14.71
C HIS A 106 2.40 2.82 13.87
N CYS A 107 3.00 1.82 14.52
CA CYS A 107 3.52 0.68 13.79
C CYS A 107 2.99 -0.65 14.30
N VAL A 108 3.49 -1.73 13.72
CA VAL A 108 3.08 -3.07 14.11
C VAL A 108 4.17 -4.10 13.80
N GLY A 109 4.44 -4.96 14.77
CA GLY A 109 5.44 -5.99 14.56
C GLY A 109 4.91 -7.08 13.66
N GLU A 110 5.77 -7.99 13.21
CA GLU A 110 5.30 -9.06 12.34
C GLU A 110 4.30 -9.93 13.08
N ASN A 111 4.41 -9.94 14.41
CA ASN A 111 3.49 -10.73 15.22
C ASN A 111 2.15 -10.01 15.43
N GLY A 112 1.87 -9.05 14.57
CA GLY A 112 0.62 -8.31 14.65
C GLY A 112 0.45 -7.33 15.80
N ILE A 113 1.33 -7.36 16.78
CA ILE A 113 1.17 -6.43 17.90
C ILE A 113 1.56 -5.00 17.55
N PRO A 114 0.63 -4.07 17.77
CA PRO A 114 0.93 -2.67 17.45
C PRO A 114 1.81 -2.03 18.52
N PHE A 115 2.50 -0.95 18.12
CA PHE A 115 3.34 -0.19 19.02
C PHE A 115 3.64 1.16 18.39
N GLU A 116 4.06 2.12 19.20
CA GLU A 116 4.34 3.45 18.69
C GLU A 116 5.81 3.87 18.80
N VAL A 117 6.31 4.46 17.73
CA VAL A 117 7.68 4.96 17.67
C VAL A 117 7.57 6.48 17.63
N PRO A 118 7.72 7.13 18.79
CA PRO A 118 7.62 8.59 18.90
C PRO A 118 8.68 9.34 18.13
N ILE A 119 8.33 10.54 17.71
CA ILE A 119 9.24 11.37 16.95
C ILE A 119 9.57 12.61 17.77
N ALA A 120 10.77 12.63 18.33
CA ALA A 120 11.24 13.74 19.17
C ALA A 120 11.10 15.12 18.54
N GLU A 121 10.63 16.08 19.34
CA GLU A 121 10.42 17.44 18.87
C GLU A 121 11.70 18.11 18.42
N PHE A 122 11.75 18.51 17.16
CA PHE A 122 12.91 19.20 16.62
C PHE A 122 12.48 20.59 16.12
N LEU A 123 13.44 21.47 15.86
CA LEU A 123 13.08 22.80 15.41
C LEU A 123 13.44 23.12 13.97
N LEU A 124 12.75 24.12 13.44
CA LEU A 124 12.94 24.59 12.08
C LEU A 124 13.28 26.07 12.21
N ALA A 125 14.36 26.48 11.57
CA ALA A 125 14.81 27.87 11.60
C ALA A 125 15.69 28.10 10.38
N PRO A 127 18.84 29.13 8.01
CA PRO A 127 20.28 28.86 8.18
C PRO A 127 21.03 29.96 8.92
N ARG A 128 21.33 29.71 10.19
CA ARG A 128 22.04 30.64 11.05
C ARG A 128 21.91 30.16 12.49
N THR A 129 20.70 30.29 13.05
CA THR A 129 20.42 29.86 14.41
C THR A 129 20.17 28.35 14.46
N PRO B 7 -1.86 -21.96 -24.95
CA PRO B 7 -2.72 -21.96 -23.75
C PRO B 7 -2.38 -20.88 -22.72
N VAL B 8 -1.62 -21.25 -21.69
CA VAL B 8 -1.26 -20.31 -20.63
C VAL B 8 -0.48 -19.07 -21.12
N LYS B 9 -0.80 -17.92 -20.53
CA LYS B 9 -0.14 -16.65 -20.85
C LYS B 9 0.68 -16.23 -19.64
N PRO B 10 1.73 -15.44 -19.87
CA PRO B 10 2.62 -14.96 -18.80
C PRO B 10 1.94 -13.97 -17.88
N TYR B 11 1.16 -13.08 -18.46
CA TYR B 11 0.46 -12.07 -17.68
C TYR B 11 -1.02 -12.00 -18.02
N ASP B 12 -1.83 -12.54 -17.11
CA ASP B 12 -3.27 -12.56 -17.30
C ASP B 12 -4.02 -12.56 -15.97
N LEU B 13 -4.96 -11.63 -15.85
CA LEU B 13 -5.78 -11.55 -14.65
C LEU B 13 -7.23 -11.63 -15.11
N THR B 14 -8.03 -12.43 -14.41
CA THR B 14 -9.44 -12.57 -14.77
C THR B 14 -10.35 -11.94 -13.74
N VAL B 15 -11.30 -11.16 -14.23
CA VAL B 15 -12.23 -10.47 -13.35
C VAL B 15 -13.67 -10.95 -13.53
N SER B 16 -14.36 -11.13 -12.41
CA SER B 16 -15.76 -11.54 -12.45
C SER B 16 -16.49 -10.62 -11.51
N VAL B 17 -17.61 -10.07 -11.97
CA VAL B 17 -18.39 -9.17 -11.14
C VAL B 17 -19.84 -9.60 -11.09
N THR B 18 -20.36 -9.68 -9.87
CA THR B 18 -21.75 -10.07 -9.64
C THR B 18 -22.51 -8.97 -8.91
N PRO B 19 -23.28 -8.17 -9.66
CA PRO B 19 -24.06 -7.09 -9.06
C PRO B 19 -25.32 -7.64 -8.39
N ARG B 20 -25.92 -6.83 -7.53
CA ARG B 20 -27.13 -7.21 -6.82
C ARG B 20 -27.74 -5.97 -6.18
N TYR B 21 -29.04 -5.82 -6.34
CA TYR B 21 -29.78 -4.71 -5.78
C TYR B 21 -29.81 -4.85 -4.25
N VAL B 22 -29.91 -3.73 -3.53
CA VAL B 22 -29.96 -3.78 -2.07
C VAL B 22 -31.19 -2.98 -1.59
N PRO B 23 -32.30 -3.68 -1.33
CA PRO B 23 -33.54 -3.04 -0.88
C PRO B 23 -33.38 -2.45 0.51
N GLU B 24 -32.67 -3.19 1.34
CA GLU B 24 -32.42 -2.83 2.72
C GLU B 24 -31.93 -1.39 2.90
N GLN B 25 -31.42 -0.78 1.84
CA GLN B 25 -30.94 0.60 1.92
C GLN B 25 -31.23 1.38 0.65
N SER B 26 -32.32 1.02 -0.02
CA SER B 26 -32.75 1.68 -1.25
C SER B 26 -34.17 2.22 -1.09
N ASP B 27 -34.52 3.24 -1.88
CA ASP B 27 -35.86 3.81 -1.83
C ASP B 27 -36.27 4.24 -3.22
N PRO B 28 -36.79 3.31 -4.02
CA PRO B 28 -37.21 3.64 -5.39
C PRO B 28 -38.25 4.75 -5.44
N SER B 29 -38.95 4.95 -4.33
CA SER B 29 -39.99 5.98 -4.23
C SER B 29 -39.43 7.37 -4.49
N GLN B 30 -38.16 7.56 -4.16
CA GLN B 30 -37.53 8.85 -4.38
C GLN B 30 -36.36 8.70 -5.33
N GLN B 31 -36.42 7.65 -6.14
CA GLN B 31 -35.38 7.36 -7.13
C GLN B 31 -34.02 7.08 -6.50
N GLN B 32 -34.02 6.34 -5.41
CA GLN B 32 -32.79 5.97 -4.70
C GLN B 32 -32.48 4.49 -4.86
N TYR B 33 -31.68 4.15 -5.87
CA TYR B 33 -31.31 2.76 -6.11
C TYR B 33 -29.86 2.46 -5.73
N VAL B 34 -29.70 1.50 -4.82
CA VAL B 34 -28.38 1.10 -4.32
C VAL B 34 -28.02 -0.34 -4.69
N PHE B 35 -27.00 -0.49 -5.52
CA PHE B 35 -26.56 -1.83 -5.88
C PHE B 35 -25.22 -2.12 -5.20
N ALA B 36 -24.87 -3.39 -5.16
CA ALA B 36 -23.61 -3.81 -4.58
C ALA B 36 -23.00 -4.83 -5.51
N TYR B 37 -21.84 -4.52 -6.07
CA TYR B 37 -21.17 -5.45 -6.96
C TYR B 37 -19.97 -6.05 -6.23
N THR B 38 -19.80 -7.35 -6.37
CA THR B 38 -18.68 -8.03 -5.72
C THR B 38 -17.73 -8.41 -6.83
N VAL B 39 -16.48 -8.00 -6.69
CA VAL B 39 -15.46 -8.26 -7.69
C VAL B 39 -14.56 -9.42 -7.29
N ARG B 40 -14.15 -10.21 -8.27
CA ARG B 40 -13.27 -11.35 -8.05
C ARG B 40 -12.14 -11.33 -9.08
N ILE B 41 -10.98 -10.86 -8.64
CA ILE B 41 -9.81 -10.80 -9.51
C ILE B 41 -9.04 -12.08 -9.30
N THR B 42 -8.67 -12.74 -10.40
CA THR B 42 -7.93 -13.99 -10.29
C THR B 42 -6.75 -14.00 -11.23
N ASN B 43 -5.57 -14.26 -10.68
CA ASN B 43 -4.36 -14.32 -11.48
C ASN B 43 -4.37 -15.64 -12.21
N THR B 44 -4.55 -15.55 -13.52
CA THR B 44 -4.63 -16.71 -14.38
C THR B 44 -3.42 -16.86 -15.30
N GLY B 45 -2.41 -16.03 -15.10
CA GLY B 45 -1.21 -16.11 -15.92
C GLY B 45 -0.14 -16.92 -15.22
N SER B 46 0.98 -17.14 -15.90
CA SER B 46 2.08 -17.91 -15.32
C SER B 46 3.00 -17.16 -14.35
N HIS B 47 2.87 -15.83 -14.27
CA HIS B 47 3.71 -15.05 -13.36
C HIS B 47 2.90 -14.17 -12.45
N PRO B 48 3.53 -13.69 -11.37
CA PRO B 48 2.80 -12.80 -10.45
C PRO B 48 2.51 -11.47 -11.17
N ALA B 49 1.47 -10.77 -10.73
CA ALA B 49 1.12 -9.50 -11.33
C ALA B 49 0.42 -8.69 -10.27
N GLN B 50 0.47 -7.37 -10.41
CA GLN B 50 -0.12 -6.51 -9.41
C GLN B 50 -1.16 -5.57 -10.00
N VAL B 51 -2.22 -5.33 -9.23
CA VAL B 51 -3.27 -4.44 -9.68
C VAL B 51 -2.88 -3.06 -9.19
N ILE B 52 -2.88 -2.09 -10.08
CA ILE B 52 -2.48 -0.76 -9.70
C ILE B 52 -3.68 0.18 -9.56
N SER B 53 -4.26 0.59 -10.68
CA SER B 53 -5.39 1.52 -10.64
C SER B 53 -6.68 0.97 -11.23
N ARG B 54 -7.76 1.71 -11.01
CA ARG B 54 -9.08 1.32 -11.50
C ARG B 54 -9.82 2.45 -12.21
N HIS B 55 -10.52 2.12 -13.28
CA HIS B 55 -11.33 3.09 -14.01
C HIS B 55 -12.75 2.50 -14.12
N TRP B 56 -13.74 3.32 -13.80
CA TRP B 56 -15.15 2.92 -13.82
C TRP B 56 -16.05 3.85 -14.63
N ILE B 57 -17.00 3.26 -15.35
CA ILE B 57 -17.95 4.02 -16.14
C ILE B 57 -19.34 3.50 -15.80
N ILE B 58 -20.08 4.25 -15.02
CA ILE B 58 -21.42 3.80 -14.67
C ILE B 58 -22.43 4.64 -15.45
N THR B 59 -23.24 3.96 -16.25
CA THR B 59 -24.26 4.62 -17.05
C THR B 59 -25.64 4.46 -16.42
N ASP B 60 -26.43 5.52 -16.51
CA ASP B 60 -27.77 5.58 -15.95
C ASP B 60 -28.84 4.90 -16.80
N GLY B 61 -30.02 4.71 -16.21
CA GLY B 61 -31.12 4.13 -16.95
C GLY B 61 -31.56 5.15 -17.99
N GLU B 62 -31.05 6.37 -17.87
CA GLU B 62 -31.38 7.44 -18.80
C GLU B 62 -30.17 7.91 -19.60
N GLU B 63 -29.15 7.06 -19.70
CA GLU B 63 -27.93 7.36 -20.45
C GLU B 63 -27.08 8.46 -19.80
N ARG B 64 -27.19 8.59 -18.49
CA ARG B 64 -26.41 9.59 -17.74
C ARG B 64 -25.12 8.95 -17.21
N VAL B 65 -24.00 9.27 -17.84
CA VAL B 65 -22.71 8.71 -17.46
C VAL B 65 -22.06 9.39 -16.25
N GLN B 66 -21.36 8.57 -15.45
CA GLN B 66 -20.65 9.02 -14.26
C GLN B 66 -19.34 8.24 -14.26
N GLU B 67 -18.23 8.88 -13.91
CA GLU B 67 -16.96 8.16 -13.89
C GLU B 67 -16.23 8.20 -12.57
N VAL B 68 -15.51 7.12 -12.28
CA VAL B 68 -14.74 7.04 -11.07
C VAL B 68 -13.34 6.57 -11.48
N ARG B 69 -12.32 7.23 -10.94
CA ARG B 69 -10.91 6.88 -11.19
C ARG B 69 -10.16 6.99 -9.86
N GLY B 70 -9.23 6.09 -9.63
CA GLY B 70 -8.49 6.13 -8.39
C GLY B 70 -7.36 5.13 -8.42
N LEU B 71 -6.68 4.95 -7.28
CA LEU B 71 -5.57 4.01 -7.21
C LEU B 71 -5.93 2.83 -6.32
N GLY B 72 -5.51 1.65 -6.76
CA GLY B 72 -5.78 0.44 -5.99
C GLY B 72 -7.24 0.03 -5.84
N VAL B 73 -7.44 -1.15 -5.27
CA VAL B 73 -8.76 -1.66 -5.02
C VAL B 73 -8.85 -1.80 -3.51
N VAL B 74 -9.80 -1.08 -2.94
CA VAL B 74 -10.02 -1.07 -1.50
C VAL B 74 -8.69 -0.80 -0.77
N GLY B 75 -8.08 0.33 -1.13
CA GLY B 75 -6.83 0.76 -0.53
C GLY B 75 -5.59 -0.13 -0.67
N GLN B 76 -5.56 -1.01 -1.67
CA GLN B 76 -4.42 -1.89 -1.85
C GLN B 76 -4.14 -2.10 -3.33
N GLN B 77 -2.95 -2.58 -3.62
CA GLN B 77 -2.52 -2.87 -4.98
C GLN B 77 -1.83 -4.20 -4.78
N PRO B 78 -2.62 -5.27 -4.65
CA PRO B 78 -2.14 -6.63 -4.43
C PRO B 78 -1.33 -7.27 -5.54
N LEU B 79 -0.25 -7.93 -5.11
CA LEU B 79 0.64 -8.64 -6.01
C LEU B 79 0.10 -10.05 -5.93
N LEU B 80 -0.67 -10.45 -6.94
CA LEU B 80 -1.28 -11.77 -6.96
C LEU B 80 -0.42 -12.83 -7.61
N ALA B 81 -0.15 -13.90 -6.86
CA ALA B 81 0.65 -15.00 -7.40
C ALA B 81 -0.21 -15.75 -8.40
N PRO B 82 0.42 -16.45 -9.34
CA PRO B 82 -0.45 -17.15 -10.28
C PRO B 82 -1.39 -18.09 -9.52
N GLY B 83 -2.69 -17.95 -9.78
CA GLY B 83 -3.67 -18.79 -9.11
C GLY B 83 -4.41 -18.19 -7.92
N GLU B 84 -3.89 -17.15 -7.29
CA GLU B 84 -4.63 -16.60 -6.16
C GLU B 84 -5.68 -15.59 -6.57
N THR B 85 -6.58 -15.26 -5.65
CA THR B 85 -7.65 -14.34 -5.94
C THR B 85 -7.77 -13.24 -4.90
N PHE B 86 -8.42 -12.17 -5.32
CA PHE B 86 -8.64 -11.02 -4.47
C PHE B 86 -10.06 -10.60 -4.76
N GLU B 87 -10.90 -10.53 -3.73
CA GLU B 87 -12.28 -10.12 -3.96
C GLU B 87 -12.85 -9.23 -2.89
N TYR B 88 -13.53 -8.20 -3.36
CA TYR B 88 -14.14 -7.20 -2.51
C TYR B 88 -15.49 -6.85 -3.13
N THR B 89 -16.30 -6.11 -2.39
CA THR B 89 -17.58 -5.68 -2.90
C THR B 89 -17.75 -4.21 -2.53
N SER B 90 -18.13 -3.42 -3.53
CA SER B 90 -18.34 -1.98 -3.35
C SER B 90 -19.74 -1.60 -3.83
N GLY B 91 -20.18 -0.38 -3.49
CA GLY B 91 -21.51 0.05 -3.87
C GLY B 91 -21.61 0.94 -5.10
N CYS B 92 -22.78 0.95 -5.73
CA CYS B 92 -23.05 1.76 -6.91
C CYS B 92 -24.45 2.33 -6.84
N PRO B 93 -24.57 3.65 -6.58
CA PRO B 93 -25.88 4.29 -6.49
C PRO B 93 -26.39 4.75 -7.85
N LEU B 94 -27.70 4.67 -8.03
CA LEU B 94 -28.34 5.09 -9.28
C LEU B 94 -29.73 5.65 -9.03
N PRO B 95 -30.14 6.63 -9.84
CA PRO B 95 -31.47 7.23 -9.70
C PRO B 95 -32.52 6.46 -10.51
N THR B 96 -32.05 5.45 -11.25
CA THR B 96 -32.94 4.63 -12.07
C THR B 96 -32.76 3.19 -11.63
N PRO B 97 -33.80 2.36 -11.82
CA PRO B 97 -33.77 0.95 -11.44
C PRO B 97 -32.84 0.06 -12.28
N ILE B 98 -32.39 0.54 -13.43
CA ILE B 98 -31.46 -0.25 -14.24
C ILE B 98 -30.30 0.60 -14.75
N GLY B 99 -29.18 -0.07 -15.01
CA GLY B 99 -28.01 0.61 -15.52
C GLY B 99 -26.86 -0.34 -15.78
N THR B 100 -25.81 0.17 -16.40
CA THR B 100 -24.64 -0.65 -16.70
C THR B 100 -23.39 -0.10 -16.03
N ARG B 102 -19.00 -0.58 -16.54
CA ARG B 102 -17.90 -1.13 -17.31
C ARG B 102 -16.67 -0.37 -16.89
N GLY B 103 -15.49 -0.99 -16.97
CA GLY B 103 -14.30 -0.30 -16.59
C GLY B 103 -12.99 -0.97 -16.93
N THR B 104 -11.93 -0.48 -16.31
CA THR B 104 -10.58 -0.99 -16.53
C THR B 104 -9.73 -1.02 -15.27
N TYR B 105 -8.92 -2.07 -15.15
CA TYR B 105 -7.98 -2.19 -14.05
C TYR B 105 -6.65 -2.04 -14.77
N HIS B 106 -5.78 -1.18 -14.26
CA HIS B 106 -4.45 -0.98 -14.83
C HIS B 106 -3.53 -1.81 -13.96
N CYS B 107 -2.82 -2.76 -14.57
CA CYS B 107 -1.97 -3.65 -13.78
C CYS B 107 -0.54 -3.68 -14.29
N VAL B 108 0.29 -4.45 -13.60
CA VAL B 108 1.69 -4.59 -13.97
C VAL B 108 2.23 -5.96 -13.63
N GLY B 109 2.97 -6.54 -14.58
CA GLY B 109 3.57 -7.85 -14.36
C GLY B 109 4.75 -7.71 -13.44
N GLU B 110 5.29 -8.82 -12.96
CA GLU B 110 6.43 -8.75 -12.04
C GLU B 110 7.66 -8.25 -12.80
N ASN B 111 7.60 -8.33 -14.12
CA ASN B 111 8.71 -7.87 -14.94
C ASN B 111 8.58 -6.36 -15.17
N GLY B 112 7.66 -5.74 -14.41
CA GLY B 112 7.45 -4.32 -14.52
C GLY B 112 6.65 -3.75 -15.67
N ILE B 113 6.56 -4.46 -16.79
CA ILE B 113 5.81 -3.94 -17.92
C ILE B 113 4.31 -3.90 -17.63
N PRO B 114 3.71 -2.71 -17.73
CA PRO B 114 2.27 -2.59 -17.47
C PRO B 114 1.39 -3.20 -18.55
N PHE B 115 0.16 -3.49 -18.18
CA PHE B 115 -0.83 -4.04 -19.09
C PHE B 115 -2.22 -3.75 -18.53
N GLU B 116 -3.21 -3.75 -19.40
CA GLU B 116 -4.60 -3.48 -18.99
C GLU B 116 -5.48 -4.71 -19.03
N VAL B 117 -6.28 -4.87 -17.99
CA VAL B 117 -7.23 -5.97 -17.88
C VAL B 117 -8.62 -5.32 -17.85
N PRO B 118 -9.31 -5.34 -19.00
CA PRO B 118 -10.65 -4.76 -19.17
C PRO B 118 -11.73 -5.47 -18.37
N ILE B 119 -12.69 -4.68 -17.89
CA ILE B 119 -13.79 -5.22 -17.12
C ILE B 119 -15.04 -5.11 -17.97
N ALA B 120 -15.49 -6.25 -18.50
CA ALA B 120 -16.68 -6.33 -19.35
C ALA B 120 -17.92 -5.63 -18.79
N GLU B 121 -18.58 -4.85 -19.65
CA GLU B 121 -19.78 -4.13 -19.24
C GLU B 121 -20.89 -5.11 -18.83
N PHE B 122 -21.40 -4.93 -17.62
CA PHE B 122 -22.46 -5.80 -17.14
C PHE B 122 -23.72 -4.99 -16.78
N LEU B 123 -24.84 -5.69 -16.62
CA LEU B 123 -26.10 -5.05 -16.31
C LEU B 123 -26.40 -4.97 -14.82
N LEU B 124 -27.14 -3.93 -14.42
CA LEU B 124 -27.54 -3.76 -13.04
C LEU B 124 -29.02 -3.43 -13.04
N ALA B 125 -29.81 -4.23 -12.34
CA ALA B 125 -31.26 -4.00 -12.25
C ALA B 125 -31.83 -4.77 -11.08
N PRO B 127 -33.91 -7.45 -8.99
CA PRO B 127 -34.12 -8.87 -9.28
C PRO B 127 -35.30 -9.20 -10.21
N PRO C 7 2.71 26.17 -18.23
CA PRO C 7 2.61 26.29 -16.75
C PRO C 7 3.14 25.03 -16.03
N VAL C 8 2.61 24.77 -14.84
CA VAL C 8 3.03 23.60 -14.06
C VAL C 8 2.24 22.37 -14.50
N LYS C 9 2.94 21.24 -14.61
CA LYS C 9 2.32 19.99 -15.02
C LYS C 9 1.59 19.31 -13.87
N PRO C 10 0.52 18.57 -14.17
CA PRO C 10 -0.24 17.89 -13.13
C PRO C 10 0.49 16.64 -12.63
N TYR C 11 1.11 15.92 -13.56
CA TYR C 11 1.84 14.71 -13.21
C TYR C 11 3.27 14.76 -13.72
N ASP C 12 4.19 15.10 -12.83
CA ASP C 12 5.62 15.21 -13.16
C ASP C 12 6.49 14.83 -11.97
N LEU C 13 7.44 13.92 -12.22
CA LEU C 13 8.37 13.47 -11.20
C LEU C 13 9.78 13.67 -11.72
N THR C 14 10.64 14.28 -10.89
CA THR C 14 12.03 14.53 -11.29
C THR C 14 12.97 13.52 -10.62
N VAL C 15 13.89 12.97 -11.40
CA VAL C 15 14.83 11.99 -10.89
C VAL C 15 16.30 12.43 -10.96
N SER C 16 17.01 12.35 -9.83
CA SER C 16 18.43 12.71 -9.79
C SER C 16 19.20 11.56 -9.17
N VAL C 17 20.36 11.24 -9.73
CA VAL C 17 21.17 10.14 -9.21
C VAL C 17 22.60 10.57 -8.91
N THR C 18 23.14 10.08 -7.81
CA THR C 18 24.49 10.40 -7.41
C THR C 18 25.31 9.12 -7.29
N PRO C 19 26.10 8.78 -8.31
CA PRO C 19 26.94 7.58 -8.32
C PRO C 19 28.03 7.72 -7.25
N ARG C 20 28.78 6.65 -7.04
CA ARG C 20 29.83 6.64 -6.04
C ARG C 20 30.53 5.29 -6.12
N TYR C 21 31.80 5.29 -6.50
CA TYR C 21 32.55 4.05 -6.59
C TYR C 21 32.76 3.51 -5.17
N VAL C 22 32.79 2.19 -5.05
CA VAL C 22 32.96 1.56 -3.75
C VAL C 22 34.14 0.61 -3.84
N PRO C 23 35.35 1.12 -3.57
CA PRO C 23 36.56 0.29 -3.63
C PRO C 23 36.55 -0.89 -2.65
N GLU C 24 36.15 -0.64 -1.41
CA GLU C 24 36.13 -1.68 -0.39
C GLU C 24 35.12 -2.78 -0.67
N GLN C 25 34.55 -2.79 -1.87
CA GLN C 25 33.55 -3.77 -2.23
C GLN C 25 33.71 -4.18 -3.68
N SER C 26 34.93 -4.01 -4.20
CA SER C 26 35.24 -4.35 -5.58
C SER C 26 36.73 -4.62 -5.80
N ASP C 27 37.05 -5.28 -6.90
CA ASP C 27 38.43 -5.59 -7.23
C ASP C 27 38.71 -5.29 -8.69
N PRO C 28 39.36 -4.15 -8.97
CA PRO C 28 39.69 -3.76 -10.34
C PRO C 28 40.47 -4.85 -11.04
N SER C 29 41.39 -5.46 -10.31
CA SER C 29 42.24 -6.51 -10.83
C SER C 29 41.42 -7.57 -11.56
N GLN C 30 40.39 -8.07 -10.88
CA GLN C 30 39.53 -9.09 -11.46
C GLN C 30 38.47 -8.44 -12.33
N GLN C 31 38.56 -7.13 -12.49
CA GLN C 31 37.62 -6.38 -13.31
C GLN C 31 36.21 -6.36 -12.71
N GLN C 32 36.17 -6.40 -11.38
CA GLN C 32 34.90 -6.38 -10.65
C GLN C 32 34.73 -5.01 -10.02
N TYR C 33 34.07 -4.11 -10.72
CA TYR C 33 33.83 -2.75 -10.25
C TYR C 33 32.43 -2.62 -9.66
N VAL C 34 32.36 -2.14 -8.42
CA VAL C 34 31.09 -1.96 -7.73
C VAL C 34 30.76 -0.51 -7.42
N PHE C 35 29.64 -0.04 -7.94
CA PHE C 35 29.21 1.32 -7.71
C PHE C 35 27.91 1.40 -6.93
N ALA C 36 27.89 2.30 -5.95
CA ALA C 36 26.67 2.52 -5.18
C ALA C 36 26.04 3.74 -5.83
N TYR C 37 24.74 3.92 -5.65
CA TYR C 37 24.08 5.07 -6.22
C TYR C 37 22.80 5.37 -5.49
N THR C 38 22.60 6.65 -5.21
CA THR C 38 21.42 7.12 -4.51
C THR C 38 20.50 7.80 -5.50
N VAL C 39 19.20 7.67 -5.27
CA VAL C 39 18.22 8.25 -6.16
C VAL C 39 17.31 9.20 -5.41
N ARG C 40 17.01 10.33 -6.03
CA ARG C 40 16.09 11.26 -5.42
C ARG C 40 14.95 11.50 -6.40
N ILE C 41 13.77 11.00 -6.04
CA ILE C 41 12.60 11.18 -6.88
C ILE C 41 11.75 12.23 -6.18
N THR C 42 11.49 13.32 -6.88
CA THR C 42 10.71 14.43 -6.29
C THR C 42 9.49 14.79 -7.12
N ASN C 43 8.36 14.98 -6.45
CA ASN C 43 7.15 15.34 -7.17
C ASN C 43 7.17 16.80 -7.57
N THR C 44 7.45 17.05 -8.84
CA THR C 44 7.50 18.40 -9.35
C THR C 44 6.17 18.76 -10.03
N GLY C 45 5.21 17.84 -9.98
CA GLY C 45 3.91 18.10 -10.56
C GLY C 45 2.97 18.74 -9.56
N SER C 46 1.74 19.04 -9.98
CA SER C 46 0.74 19.67 -9.10
C SER C 46 -0.18 18.67 -8.39
N HIS C 47 -0.11 17.41 -8.79
CA HIS C 47 -0.94 16.37 -8.18
C HIS C 47 -0.09 15.19 -7.70
N PRO C 48 -0.62 14.40 -6.75
CA PRO C 48 0.12 13.25 -6.24
C PRO C 48 0.42 12.26 -7.35
N ALA C 49 1.55 11.57 -7.25
CA ALA C 49 1.95 10.59 -8.25
C ALA C 49 2.65 9.46 -7.53
N GLN C 50 2.71 8.30 -8.17
CA GLN C 50 3.31 7.11 -7.57
C GLN C 50 4.23 6.35 -8.50
N VAL C 51 5.33 5.85 -7.93
CA VAL C 51 6.30 5.10 -8.69
C VAL C 51 5.91 3.62 -8.57
N ILE C 52 5.73 2.97 -9.70
CA ILE C 52 5.33 1.57 -9.69
C ILE C 52 6.46 0.61 -10.02
N SER C 53 7.05 0.74 -11.20
CA SER C 53 8.11 -0.17 -11.58
C SER C 53 9.28 0.52 -12.29
N ARG C 54 10.39 -0.20 -12.35
CA ARG C 54 11.61 0.31 -12.95
C ARG C 54 12.19 -0.53 -14.09
N HIS C 55 12.97 0.14 -14.93
CA HIS C 55 13.67 -0.48 -16.04
C HIS C 55 15.05 0.21 -16.12
N TRP C 56 16.12 -0.57 -16.07
CA TRP C 56 17.46 -0.01 -16.16
C TRP C 56 18.26 -0.61 -17.29
N ILE C 57 19.06 0.23 -17.95
CA ILE C 57 19.93 -0.22 -19.04
C ILE C 57 21.32 0.25 -18.64
N ILE C 58 22.14 -0.65 -18.09
CA ILE C 58 23.47 -0.22 -17.72
C ILE C 58 24.42 -0.65 -18.83
N THR C 59 25.21 0.29 -19.32
CA THR C 59 26.15 0.03 -20.40
C THR C 59 27.60 -0.09 -19.91
N ASP C 60 28.32 -1.03 -20.50
CA ASP C 60 29.71 -1.30 -20.17
C ASP C 60 30.68 -0.35 -20.87
N GLY C 61 31.89 -0.27 -20.32
CA GLY C 61 32.91 0.56 -20.93
C GLY C 61 33.13 0.03 -22.33
N GLU C 62 32.82 -1.24 -22.53
CA GLU C 62 32.97 -1.86 -23.84
C GLU C 62 31.63 -1.95 -24.55
N GLU C 63 30.70 -1.07 -24.17
CA GLU C 63 29.39 -1.00 -24.80
C GLU C 63 28.59 -2.30 -24.60
N ARG C 64 28.90 -3.02 -23.54
CA ARG C 64 28.19 -4.26 -23.24
C ARG C 64 27.00 -3.88 -22.37
N VAL C 65 25.81 -4.19 -22.86
CA VAL C 65 24.59 -3.86 -22.13
C VAL C 65 24.15 -4.95 -21.16
N GLN C 66 23.41 -4.54 -20.13
CA GLN C 66 22.88 -5.44 -19.11
C GLN C 66 21.57 -4.75 -18.68
N GLU C 67 20.46 -5.47 -18.69
CA GLU C 67 19.20 -4.84 -18.30
C GLU C 67 18.55 -5.36 -17.05
N VAL C 68 17.74 -4.51 -16.43
CA VAL C 68 17.04 -4.88 -15.21
C VAL C 68 15.61 -4.35 -15.26
N ARG C 69 14.67 -5.20 -14.86
CA ARG C 69 13.24 -4.87 -14.83
C ARG C 69 12.59 -5.47 -13.59
N GLY C 70 11.85 -4.65 -12.85
CA GLY C 70 11.18 -5.13 -11.65
C GLY C 70 10.14 -4.15 -11.16
N LEU C 71 9.40 -4.55 -10.13
CA LEU C 71 8.36 -3.70 -9.57
C LEU C 71 8.89 -2.96 -8.36
N GLY C 72 8.54 -1.69 -8.25
CA GLY C 72 8.98 -0.87 -7.14
C GLY C 72 10.45 -0.45 -7.16
N VAL C 73 10.84 0.37 -6.20
CA VAL C 73 12.23 0.80 -6.05
C VAL C 73 12.66 0.36 -4.67
N VAL C 74 13.58 -0.61 -4.62
CA VAL C 74 14.06 -1.16 -3.37
C VAL C 74 12.85 -1.57 -2.49
N GLY C 75 11.87 -2.21 -3.14
CA GLY C 75 10.69 -2.70 -2.45
C GLY C 75 9.62 -1.70 -2.03
N GLN C 76 9.65 -0.50 -2.61
CA GLN C 76 8.66 0.51 -2.27
C GLN C 76 8.09 1.12 -3.54
N GLN C 77 6.85 1.58 -3.46
CA GLN C 77 6.22 2.21 -4.61
C GLN C 77 5.60 3.47 -4.05
N PRO C 78 6.44 4.43 -3.67
CA PRO C 78 6.01 5.70 -3.10
C PRO C 78 4.98 6.48 -3.90
N LEU C 79 4.05 7.07 -3.16
CA LEU C 79 3.00 7.92 -3.73
C LEU C 79 3.40 9.27 -3.15
N LEU C 80 4.10 10.05 -3.96
CA LEU C 80 4.61 11.34 -3.57
C LEU C 80 3.65 12.49 -3.75
N ALA C 81 3.31 13.13 -2.64
CA ALA C 81 2.44 14.30 -2.69
C ALA C 81 3.27 15.37 -3.41
N PRO C 82 2.61 16.33 -4.05
CA PRO C 82 3.45 17.32 -4.72
C PRO C 82 4.45 17.96 -3.74
N GLY C 83 5.71 18.03 -4.16
CA GLY C 83 6.75 18.60 -3.32
C GLY C 83 7.50 17.58 -2.49
N GLU C 84 6.93 16.39 -2.36
CA GLU C 84 7.57 15.35 -1.59
C GLU C 84 8.57 14.57 -2.44
N THR C 85 9.52 13.93 -1.76
CA THR C 85 10.54 13.17 -2.46
C THR C 85 10.89 11.88 -1.72
N PHE C 86 11.22 10.84 -2.49
CA PHE C 86 11.60 9.57 -1.90
C PHE C 86 13.02 9.22 -2.36
N GLU C 87 13.89 8.79 -1.45
CA GLU C 87 15.25 8.43 -1.86
C GLU C 87 15.75 7.07 -1.40
N TYR C 88 16.51 6.41 -2.27
CA TYR C 88 17.05 5.11 -1.97
C TYR C 88 18.46 4.94 -2.54
N THR C 89 19.12 3.88 -2.12
CA THR C 89 20.46 3.59 -2.59
C THR C 89 20.58 2.12 -3.00
N SER C 90 21.13 1.88 -4.18
CA SER C 90 21.33 0.52 -4.70
C SER C 90 22.76 0.41 -5.23
N GLY C 91 23.11 -0.77 -5.74
CA GLY C 91 24.44 -0.97 -6.28
C GLY C 91 24.40 -1.32 -7.76
N CYS C 92 25.55 -1.23 -8.41
CA CYS C 92 25.64 -1.53 -9.84
C CYS C 92 27.00 -2.14 -10.18
N PRO C 93 27.03 -3.43 -10.54
CA PRO C 93 28.28 -4.11 -10.88
C PRO C 93 28.77 -3.74 -12.28
N LEU C 94 30.09 -3.71 -12.46
CA LEU C 94 30.67 -3.35 -13.75
C LEU C 94 32.01 -4.02 -14.09
N PRO C 95 32.14 -4.50 -15.33
CA PRO C 95 33.35 -5.17 -15.85
C PRO C 95 34.44 -4.12 -16.10
N THR C 96 34.00 -2.89 -16.38
CA THR C 96 34.88 -1.77 -16.67
C THR C 96 34.75 -0.74 -15.55
N PRO C 97 35.76 0.13 -15.41
CA PRO C 97 35.68 1.15 -14.35
C PRO C 97 34.79 2.34 -14.69
N ILE C 98 34.16 2.30 -15.87
CA ILE C 98 33.25 3.37 -16.30
C ILE C 98 32.13 2.81 -17.15
N GLY C 99 30.95 3.40 -17.00
CA GLY C 99 29.78 2.98 -17.74
C GLY C 99 28.62 3.90 -17.45
N THR C 100 27.53 3.72 -18.17
CA THR C 100 26.37 4.57 -17.98
C THR C 100 25.12 3.78 -17.61
N ARG C 102 20.92 4.19 -17.58
CA ARG C 102 19.80 5.00 -18.02
C ARG C 102 18.56 4.14 -17.91
N GLY C 103 17.43 4.75 -17.61
CA GLY C 103 16.23 3.95 -17.48
C GLY C 103 14.91 4.68 -17.52
N THR C 104 13.91 4.00 -16.98
CA THR C 104 12.56 4.52 -16.93
C THR C 104 11.86 4.03 -15.69
N TYR C 105 10.94 4.84 -15.19
CA TYR C 105 10.14 4.46 -14.05
C TYR C 105 8.73 4.51 -14.59
N HIS C 106 7.95 3.47 -14.34
CA HIS C 106 6.56 3.47 -14.80
C HIS C 106 5.77 3.98 -13.61
N CYS C 107 5.03 5.06 -13.83
CA CYS C 107 4.27 5.69 -12.76
C CYS C 107 2.77 5.87 -13.07
N VAL C 108 2.01 6.29 -12.07
CA VAL C 108 0.59 6.53 -12.22
C VAL C 108 0.22 7.77 -11.43
N GLY C 109 -0.63 8.59 -12.02
CA GLY C 109 -1.07 9.78 -11.31
C GLY C 109 -2.12 9.36 -10.30
N GLU C 110 -2.46 10.25 -9.38
CA GLU C 110 -3.46 9.90 -8.39
C GLU C 110 -4.75 9.51 -9.12
N ASN C 111 -4.91 10.02 -10.34
CA ASN C 111 -6.12 9.73 -11.13
C ASN C 111 -6.04 8.34 -11.76
N GLY C 112 -4.98 7.61 -11.43
CA GLY C 112 -4.82 6.26 -11.94
C GLY C 112 -4.23 6.11 -13.33
N ILE C 113 -4.21 7.17 -14.13
CA ILE C 113 -3.64 7.04 -15.47
C ILE C 113 -2.11 6.90 -15.38
N PRO C 114 -1.56 5.87 -16.04
CA PRO C 114 -0.11 5.67 -15.98
C PRO C 114 0.67 6.56 -16.95
N PHE C 115 1.86 6.96 -16.54
CA PHE C 115 2.71 7.78 -17.37
C PHE C 115 4.16 7.39 -17.11
N GLU C 116 5.07 7.79 -17.99
CA GLU C 116 6.45 7.42 -17.81
C GLU C 116 7.37 8.58 -17.52
N VAL C 117 8.28 8.36 -16.59
CA VAL C 117 9.27 9.36 -16.24
C VAL C 117 10.63 8.73 -16.54
N PRO C 118 11.31 9.24 -17.57
CA PRO C 118 12.61 8.67 -17.90
C PRO C 118 13.74 9.12 -17.00
N ILE C 119 14.78 8.30 -16.95
CA ILE C 119 15.94 8.59 -16.15
C ILE C 119 17.05 8.85 -17.17
N ALA C 120 17.46 10.09 -17.30
CA ALA C 120 18.51 10.46 -18.27
C ALA C 120 19.82 9.70 -18.02
N GLU C 121 20.47 9.31 -19.10
CA GLU C 121 21.73 8.57 -19.04
C GLU C 121 22.78 9.34 -18.26
N PHE C 122 23.26 8.76 -17.17
CA PHE C 122 24.30 9.38 -16.38
C PHE C 122 25.44 8.38 -16.32
N LEU C 123 26.63 8.79 -15.89
CA LEU C 123 27.74 7.85 -15.86
C LEU C 123 28.27 7.46 -14.49
N LEU C 124 28.98 6.35 -14.47
CA LEU C 124 29.62 5.81 -13.29
C LEU C 124 31.12 5.78 -13.62
N ALA C 125 31.95 6.19 -12.67
CA ALA C 125 33.38 6.20 -12.92
C ALA C 125 34.17 6.30 -11.63
N PRO C 127 36.66 7.47 -8.86
CA PRO C 127 37.06 8.85 -8.54
C PRO C 127 38.47 9.17 -9.00
N ARG C 128 39.35 8.18 -8.97
CA ARG C 128 40.74 8.36 -9.37
C ARG C 128 40.90 8.84 -10.81
N PRO D 7 -26.24 7.18 17.39
CA PRO D 7 -26.14 7.36 15.92
C PRO D 7 -25.18 6.37 15.26
N VAL D 8 -24.61 6.79 14.12
CA VAL D 8 -23.66 5.95 13.38
C VAL D 8 -22.25 6.23 13.90
N LYS D 9 -21.44 5.18 14.01
CA LYS D 9 -20.07 5.32 14.49
C LYS D 9 -19.16 5.77 13.35
N PRO D 10 -18.08 6.51 13.69
CA PRO D 10 -17.17 6.97 12.66
C PRO D 10 -16.27 5.83 12.19
N TYR D 11 -15.87 4.98 13.14
CA TYR D 11 -15.01 3.85 12.83
C TYR D 11 -15.57 2.56 13.36
N ASP D 12 -16.12 1.76 12.44
CA ASP D 12 -16.73 0.48 12.80
C ASP D 12 -16.71 -0.51 11.63
N LEU D 13 -16.35 -1.75 11.96
CA LEU D 13 -16.30 -2.81 10.98
C LEU D 13 -16.97 -4.04 11.60
N THR D 14 -17.88 -4.65 10.86
CA THR D 14 -18.56 -5.84 11.36
C THR D 14 -17.98 -7.03 10.61
N VAL D 15 -17.71 -8.10 11.33
CA VAL D 15 -17.12 -9.30 10.74
C VAL D 15 -18.00 -10.54 10.85
N SER D 16 -18.20 -11.23 9.72
CA SER D 16 -19.00 -12.44 9.70
C SER D 16 -18.20 -13.59 9.10
N VAL D 17 -18.33 -14.77 9.69
CA VAL D 17 -17.60 -15.95 9.22
C VAL D 17 -18.52 -17.15 8.96
N THR D 18 -18.24 -17.84 7.86
CA THR D 18 -18.99 -19.03 7.51
C THR D 18 -18.03 -20.20 7.43
N PRO D 19 -18.04 -21.05 8.45
CA PRO D 19 -17.12 -22.18 8.38
C PRO D 19 -17.78 -23.28 7.56
N ARG D 20 -17.07 -24.40 7.40
CA ARG D 20 -17.56 -25.54 6.68
C ARG D 20 -16.49 -26.61 6.59
N TYR D 21 -16.75 -27.74 7.25
CA TYR D 21 -15.84 -28.88 7.29
C TYR D 21 -15.46 -29.28 5.87
N VAL D 22 -14.22 -29.73 5.70
CA VAL D 22 -13.72 -30.13 4.39
C VAL D 22 -13.25 -31.58 4.45
N PRO D 23 -14.14 -32.53 4.17
CA PRO D 23 -13.81 -33.96 4.19
C PRO D 23 -12.63 -34.32 3.29
N GLU D 24 -12.66 -33.82 2.06
CA GLU D 24 -11.63 -34.09 1.07
C GLU D 24 -10.19 -33.89 1.52
N GLN D 25 -9.99 -33.18 2.63
CA GLN D 25 -8.62 -32.97 3.09
C GLN D 25 -8.47 -33.07 4.60
N SER D 26 -9.19 -34.02 5.19
CA SER D 26 -9.14 -34.25 6.63
C SER D 26 -9.30 -35.73 6.93
N ASP D 27 -8.50 -36.23 7.87
CA ASP D 27 -8.54 -37.63 8.27
C ASP D 27 -9.01 -37.77 9.71
N PRO D 28 -10.32 -37.88 9.91
CA PRO D 28 -10.84 -38.03 11.27
C PRO D 28 -10.34 -39.31 11.92
N SER D 29 -9.81 -40.19 11.09
CA SER D 29 -9.29 -41.45 11.58
C SER D 29 -8.11 -41.18 12.49
N GLN D 30 -7.47 -40.04 12.28
CA GLN D 30 -6.32 -39.64 13.08
C GLN D 30 -6.49 -38.25 13.67
N GLN D 31 -7.74 -37.89 13.96
CA GLN D 31 -8.08 -36.59 14.55
C GLN D 31 -7.62 -35.37 13.76
N GLN D 32 -7.45 -35.54 12.45
CA GLN D 32 -7.02 -34.43 11.62
C GLN D 32 -8.22 -33.81 10.90
N TYR D 33 -8.87 -32.87 11.57
CA TYR D 33 -10.04 -32.19 11.03
C TYR D 33 -9.65 -30.88 10.36
N VAL D 34 -10.17 -30.68 9.15
CA VAL D 34 -9.86 -29.48 8.40
C VAL D 34 -11.09 -28.67 8.01
N PHE D 35 -11.21 -27.50 8.60
CA PHE D 35 -12.33 -26.62 8.30
C PHE D 35 -11.91 -25.47 7.41
N ALA D 36 -12.80 -25.04 6.55
CA ALA D 36 -12.55 -23.92 5.67
C ALA D 36 -13.47 -22.82 6.16
N TYR D 37 -12.98 -21.58 6.23
CA TYR D 37 -13.82 -20.49 6.68
C TYR D 37 -13.67 -19.26 5.81
N THR D 38 -14.78 -18.57 5.62
CA THR D 38 -14.79 -17.36 4.83
C THR D 38 -15.17 -16.21 5.72
N VAL D 39 -14.51 -15.08 5.52
CA VAL D 39 -14.75 -13.92 6.35
C VAL D 39 -15.28 -12.76 5.53
N ARG D 40 -16.23 -12.03 6.08
CA ARG D 40 -16.74 -10.86 5.39
C ARG D 40 -16.58 -9.68 6.34
N ILE D 41 -15.65 -8.81 5.98
CA ILE D 41 -15.37 -7.62 6.77
C ILE D 41 -16.03 -6.50 5.97
N THR D 42 -17.00 -5.85 6.60
CA THR D 42 -17.74 -4.77 5.95
C THR D 42 -17.64 -3.49 6.75
N ASN D 43 -17.47 -2.37 6.07
CA ASN D 43 -17.36 -1.11 6.78
C ASN D 43 -18.72 -0.55 7.14
N THR D 44 -19.10 -0.73 8.40
CA THR D 44 -20.38 -0.23 8.87
C THR D 44 -20.32 1.27 9.28
N GLY D 45 -19.18 1.70 9.84
CA GLY D 45 -19.04 3.10 10.21
C GLY D 45 -19.11 4.10 9.06
N SER D 46 -19.10 5.39 9.40
CA SER D 46 -19.18 6.47 8.41
C SER D 46 -17.85 6.95 7.84
N HIS D 47 -16.74 6.39 8.32
CA HIS D 47 -15.43 6.79 7.82
C HIS D 47 -14.60 5.60 7.33
N PRO D 48 -13.66 5.85 6.40
CA PRO D 48 -12.84 4.77 5.87
C PRO D 48 -11.98 4.16 6.99
N ALA D 49 -11.78 2.86 6.94
CA ALA D 49 -11.01 2.16 7.95
C ALA D 49 -10.23 1.06 7.26
N GLN D 50 -9.17 0.60 7.89
CA GLN D 50 -8.32 -0.44 7.29
C GLN D 50 -7.95 -1.54 8.26
N VAL D 51 -7.81 -2.75 7.73
CA VAL D 51 -7.45 -3.89 8.55
C VAL D 51 -5.94 -4.11 8.48
N ILE D 52 -5.30 -4.12 9.64
CA ILE D 52 -3.86 -4.29 9.70
C ILE D 52 -3.36 -5.69 10.10
N SER D 53 -3.75 -6.15 11.28
CA SER D 53 -3.29 -7.44 11.74
C SER D 53 -4.37 -8.24 12.48
N ARG D 54 -4.14 -9.54 12.59
CA ARG D 54 -5.09 -10.45 13.21
C ARG D 54 -4.51 -11.27 14.34
N HIS D 55 -5.43 -11.72 15.21
CA HIS D 55 -5.11 -12.57 16.35
C HIS D 55 -6.23 -13.62 16.46
N TRP D 56 -5.89 -14.90 16.31
CA TRP D 56 -6.91 -15.94 16.41
C TRP D 56 -6.64 -16.86 17.59
N ILE D 57 -7.70 -17.21 18.31
CA ILE D 57 -7.60 -18.12 19.44
C ILE D 57 -8.54 -19.27 19.08
N ILE D 58 -8.03 -20.31 18.44
CA ILE D 58 -8.93 -21.41 18.10
C ILE D 58 -8.93 -22.44 19.23
N THR D 59 -10.11 -22.72 19.74
CA THR D 59 -10.26 -23.66 20.84
C THR D 59 -10.71 -25.04 20.38
N ASP D 60 -10.00 -26.02 20.91
CA ASP D 60 -10.17 -27.45 20.64
C ASP D 60 -11.39 -28.06 21.33
N GLY D 61 -11.90 -29.16 20.77
CA GLY D 61 -13.03 -29.84 21.37
C GLY D 61 -12.71 -30.22 22.80
N GLU D 62 -11.44 -30.34 23.11
CA GLU D 62 -11.01 -30.70 24.46
C GLU D 62 -10.46 -29.48 25.20
N GLU D 63 -10.89 -28.30 24.80
CA GLU D 63 -10.46 -27.04 25.44
C GLU D 63 -8.97 -26.75 25.24
N ARG D 64 -8.37 -27.41 24.27
CA ARG D 64 -6.95 -27.17 23.97
C ARG D 64 -6.92 -25.91 23.11
N VAL D 65 -5.92 -25.07 23.31
CA VAL D 65 -5.85 -23.83 22.55
C VAL D 65 -4.63 -23.73 21.64
N GLN D 66 -4.79 -22.97 20.56
CA GLN D 66 -3.75 -22.71 19.59
C GLN D 66 -3.95 -21.27 19.18
N GLU D 67 -2.88 -20.49 19.20
CA GLU D 67 -3.01 -19.08 18.84
C GLU D 67 -2.30 -18.76 17.53
N VAL D 68 -2.82 -17.75 16.83
CA VAL D 68 -2.23 -17.31 15.58
C VAL D 68 -2.12 -15.80 15.63
N ARG D 69 -0.96 -15.27 15.23
CA ARG D 69 -0.70 -13.85 15.23
C ARG D 69 0.15 -13.49 14.01
N GLY D 70 -0.37 -12.60 13.17
CA GLY D 70 0.34 -12.19 11.97
C GLY D 70 -0.22 -10.90 11.41
N LEU D 71 0.44 -10.37 10.36
CA LEU D 71 -0.01 -9.13 9.74
C LEU D 71 -0.92 -9.37 8.54
N GLY D 72 -1.96 -8.54 8.45
CA GLY D 72 -2.92 -8.65 7.36
C GLY D 72 -3.79 -9.91 7.30
N VAL D 73 -4.71 -9.94 6.34
CA VAL D 73 -5.59 -11.09 6.14
C VAL D 73 -5.30 -11.65 4.74
N VAL D 74 -4.76 -12.87 4.72
CA VAL D 74 -4.40 -13.53 3.48
C VAL D 74 -3.54 -12.55 2.64
N GLY D 75 -2.59 -11.91 3.32
CA GLY D 75 -1.66 -10.97 2.70
C GLY D 75 -2.22 -9.64 2.21
N GLN D 76 -3.33 -9.22 2.79
CA GLN D 76 -3.96 -7.97 2.38
C GLN D 76 -4.32 -7.17 3.60
N GLN D 77 -4.30 -5.85 3.47
CA GLN D 77 -4.66 -4.96 4.56
C GLN D 77 -5.60 -3.96 3.94
N PRO D 78 -6.81 -4.40 3.58
CA PRO D 78 -7.81 -3.54 2.95
C PRO D 78 -8.20 -2.29 3.71
N LEU D 79 -8.32 -1.20 2.95
CA LEU D 79 -8.74 0.10 3.46
C LEU D 79 -10.15 0.17 2.88
N LEU D 80 -11.13 -0.28 3.67
CA LEU D 80 -12.53 -0.33 3.27
C LEU D 80 -13.27 1.00 3.42
N ALA D 81 -13.75 1.54 2.32
CA ALA D 81 -14.51 2.78 2.37
C ALA D 81 -15.83 2.46 3.07
N PRO D 82 -16.51 3.47 3.61
CA PRO D 82 -17.78 3.12 4.26
C PRO D 82 -18.71 2.44 3.25
N GLY D 83 -19.20 1.27 3.62
CA GLY D 83 -20.08 0.52 2.75
C GLY D 83 -19.38 -0.61 2.05
N GLU D 84 -18.08 -0.46 1.83
CA GLU D 84 -17.32 -1.50 1.16
C GLU D 84 -17.03 -2.67 2.08
N THR D 85 -16.74 -3.82 1.48
CA THR D 85 -16.45 -5.03 2.23
C THR D 85 -15.41 -5.88 1.52
N PHE D 86 -14.56 -6.53 2.30
CA PHE D 86 -13.50 -7.39 1.77
C PHE D 86 -13.68 -8.80 2.31
N GLU D 87 -13.58 -9.81 1.46
CA GLU D 87 -13.75 -11.17 1.93
C GLU D 87 -12.66 -12.14 1.51
N TYR D 88 -12.37 -13.09 2.39
CA TYR D 88 -11.35 -14.08 2.12
C TYR D 88 -11.71 -15.45 2.72
N THR D 89 -11.09 -16.50 2.18
CA THR D 89 -11.32 -17.85 2.67
C THR D 89 -9.98 -18.42 3.15
N SER D 90 -10.00 -19.03 4.33
CA SER D 90 -8.80 -19.61 4.91
C SER D 90 -9.16 -20.93 5.61
N GLY D 91 -8.15 -21.73 5.99
CA GLY D 91 -8.42 -22.98 6.65
C GLY D 91 -8.07 -23.01 8.13
N CYS D 92 -8.54 -24.04 8.83
CA CYS D 92 -8.29 -24.20 10.25
C CYS D 92 -8.26 -25.69 10.66
N PRO D 93 -7.11 -26.15 11.17
CA PRO D 93 -7.00 -27.55 11.58
C PRO D 93 -7.50 -27.78 13.00
N LEU D 94 -8.01 -28.97 13.27
CA LEU D 94 -8.53 -29.32 14.59
C LEU D 94 -8.36 -30.80 14.91
N PRO D 95 -8.00 -31.12 16.15
CA PRO D 95 -7.82 -32.53 16.52
C PRO D 95 -9.15 -33.14 16.99
N THR D 96 -10.20 -32.32 16.97
CA THR D 96 -11.53 -32.73 17.38
C THR D 96 -12.50 -32.29 16.29
N PRO D 97 -13.64 -32.99 16.14
CA PRO D 97 -14.61 -32.62 15.10
C PRO D 97 -15.37 -31.29 15.35
N ILE D 98 -15.26 -30.74 16.55
CA ILE D 98 -15.90 -29.48 16.85
C ILE D 98 -14.97 -28.56 17.65
N GLY D 99 -15.07 -27.27 17.36
CA GLY D 99 -14.24 -26.28 18.04
C GLY D 99 -14.70 -24.87 17.74
N THR D 100 -14.18 -23.89 18.48
CA THR D 100 -14.57 -22.51 18.26
C THR D 100 -13.40 -21.58 17.99
N ARG D 102 -12.10 -17.59 17.69
CA ARG D 102 -12.43 -16.25 18.10
C ARG D 102 -11.16 -15.40 18.05
N GLY D 103 -11.31 -14.14 17.70
CA GLY D 103 -10.13 -13.30 17.62
C GLY D 103 -10.37 -11.81 17.45
N THR D 104 -9.28 -11.11 17.17
CA THR D 104 -9.34 -9.67 17.00
C THR D 104 -8.60 -9.23 15.74
N TYR D 105 -9.04 -8.11 15.19
CA TYR D 105 -8.38 -7.52 14.03
C TYR D 105 -7.91 -6.18 14.53
N HIS D 106 -6.64 -5.84 14.31
CA HIS D 106 -6.15 -4.54 14.75
C HIS D 106 -6.34 -3.65 13.53
N CYS D 107 -7.15 -2.61 13.68
CA CYS D 107 -7.44 -1.72 12.57
C CYS D 107 -7.05 -0.26 12.83
N VAL D 108 -7.14 0.55 11.79
CA VAL D 108 -6.85 1.98 11.86
C VAL D 108 -7.78 2.73 10.93
N GLY D 109 -8.31 3.85 11.41
CA GLY D 109 -9.21 4.65 10.62
C GLY D 109 -8.42 5.53 9.67
N GLU D 110 -9.11 6.19 8.76
CA GLU D 110 -8.41 7.06 7.83
C GLU D 110 -7.62 8.12 8.63
N ASN D 111 -8.03 8.38 9.87
CA ASN D 111 -7.35 9.36 10.70
C ASN D 111 -6.05 8.78 11.31
N GLY D 112 -5.72 7.56 10.90
CA GLY D 112 -4.50 6.94 11.37
C GLY D 112 -4.57 6.37 12.77
N ILE D 113 -5.64 6.66 13.50
CA ILE D 113 -5.72 6.15 14.86
C ILE D 113 -6.13 4.67 14.91
N PRO D 114 -5.38 3.87 15.66
CA PRO D 114 -5.71 2.45 15.75
C PRO D 114 -6.92 2.15 16.62
N PHE D 115 -7.61 1.06 16.31
CA PHE D 115 -8.77 0.64 17.07
C PHE D 115 -9.00 -0.84 16.79
N GLU D 116 -9.57 -1.53 17.76
CA GLU D 116 -9.80 -2.96 17.62
C GLU D 116 -11.23 -3.33 17.28
N VAL D 117 -11.37 -4.34 16.44
CA VAL D 117 -12.67 -4.86 16.06
C VAL D 117 -12.62 -6.36 16.38
N PRO D 118 -13.34 -6.77 17.44
CA PRO D 118 -13.37 -8.17 17.84
C PRO D 118 -14.15 -9.09 16.91
N ILE D 119 -13.71 -10.34 16.85
CA ILE D 119 -14.37 -11.33 16.04
C ILE D 119 -15.08 -12.23 17.04
N ALA D 120 -16.41 -12.23 16.99
CA ALA D 120 -17.20 -13.03 17.92
C ALA D 120 -16.92 -14.53 17.81
N GLU D 121 -16.84 -15.19 18.96
CA GLU D 121 -16.58 -16.62 19.00
C GLU D 121 -17.66 -17.42 18.29
N PHE D 122 -17.29 -18.03 17.16
CA PHE D 122 -18.21 -18.85 16.41
C PHE D 122 -17.66 -20.26 16.46
N LEU D 123 -18.48 -21.24 16.10
CA LEU D 123 -18.02 -22.61 16.14
C LEU D 123 -17.84 -23.29 14.79
N LEU D 124 -17.03 -24.34 14.82
CA LEU D 124 -16.74 -25.16 13.66
C LEU D 124 -17.23 -26.55 14.03
N ALA D 125 -18.01 -27.17 13.15
CA ALA D 125 -18.52 -28.52 13.42
C ALA D 125 -18.78 -29.31 12.15
N PRO D 127 -20.59 -31.35 9.45
CA PRO D 127 -22.02 -31.30 9.09
C PRO D 127 -22.75 -32.58 9.50
N ARG D 128 -21.97 -33.60 9.83
CA ARG D 128 -22.49 -34.92 10.25
C ARG D 128 -23.46 -34.86 11.42
#